data_4FEL
#
_entry.id   4FEL
#
_cell.length_a   132.698
_cell.length_b   35.193
_cell.length_c   41.569
_cell.angle_alpha   90.00
_cell.angle_beta   90.42
_cell.angle_gamma   90.00
#
_symmetry.space_group_name_H-M   'C 1 2 1'
#
loop_
_entity.id
_entity.type
_entity.pdbx_description
1 polymer 'U25A/A46G mutant of the B. subtilis xpt-pbuX guanine riboswitch aptamer domain'
2 non-polymer HYPOXANTHINE
3 non-polymer 'ACETATE ION'
4 non-polymer 'COBALT HEXAMMINE(III)'
5 water water
#
_entity_poly.entity_id   1
_entity_poly.type   'polyribonucleotide'
_entity_poly.pdbx_seq_one_letter_code
;GGACAUAUAAACGCGUGGAUAUGGCACGCGAGUUUCUACCGGGCACCGUAAAUGUCCGACUAUGUCC
;
_entity_poly.pdbx_strand_id   B
#
loop_
_chem_comp.id
_chem_comp.type
_chem_comp.name
_chem_comp.formula
A RNA linking ADENOSINE-5'-MONOPHOSPHATE 'C10 H14 N5 O7 P'
ACT non-polymer 'ACETATE ION' 'C2 H3 O2 -1'
C RNA linking CYTIDINE-5'-MONOPHOSPHATE 'C9 H14 N3 O8 P'
G RNA linking GUANOSINE-5'-MONOPHOSPHATE 'C10 H14 N5 O8 P'
HPA non-polymer HYPOXANTHINE 'C5 H4 N4 O'
NCO non-polymer 'COBALT HEXAMMINE(III)' 'Co H18 N6 3'
U RNA linking URIDINE-5'-MONOPHOSPHATE 'C9 H13 N2 O9 P'
#
# COMPACT_ATOMS: atom_id res chain seq x y z
N1 HPA B . 12.13 2.32 -2.41
C2 HPA B . 11.99 3.69 -2.40
N3 HPA B . 12.33 4.43 -1.34
C4 HPA B . 12.81 3.69 -0.31
C5 HPA B . 12.98 2.32 -0.27
C6 HPA B . 12.62 1.55 -1.39
O6 HPA B . 12.70 0.34 -1.55
N7 HPA B . 13.50 1.98 0.93
C8 HPA B . 13.66 3.11 1.63
N9 HPA B . 13.25 4.21 0.90
C ACT C . -12.88 -0.16 1.45
O ACT C . -13.00 -0.34 0.21
OXT ACT C . -13.27 0.85 2.18
CH3 ACT C . -12.16 -1.27 2.20
CO NCO D . -7.86 -1.82 10.65
N1 NCO D . -9.79 -1.96 10.40
N2 NCO D . -5.93 -1.70 10.89
N3 NCO D . -7.83 -3.68 11.31
N4 NCO D . -7.89 0.02 9.99
N5 NCO D . -7.58 -2.48 8.81
N6 NCO D . -8.15 -1.17 12.48
CO NCO E . -9.67 0.02 -10.05
N1 NCO E . -9.80 -1.83 -9.36
N2 NCO E . -9.53 1.86 -10.72
N3 NCO E . -7.73 -0.02 -9.76
N4 NCO E . -11.61 0.07 -10.33
N5 NCO E . -9.41 -0.66 -11.88
N6 NCO E . -9.93 0.71 -8.22
CO NCO F . -4.96 -4.67 -3.16
N1 NCO F . -5.16 -6.62 -3.36
N2 NCO F . -4.78 -2.73 -2.95
N3 NCO F . -3.45 -4.68 -4.40
N4 NCO F . -6.48 -4.66 -1.91
N5 NCO F . -6.20 -4.39 -4.66
N6 NCO F . -3.74 -4.96 -1.65
CO NCO G . -14.16 5.11 6.69
N1 NCO G . -15.02 3.33 6.68
N2 NCO G . -13.29 6.87 6.70
N3 NCO G . -13.03 4.56 8.22
N4 NCO G . -15.27 5.65 5.16
N5 NCO G . -12.78 4.44 5.45
N6 NCO G . -15.53 5.78 7.92
CO NCO H . -12.95 -8.64 -7.86
N1 NCO H . -12.83 -10.58 -8.15
N2 NCO H . -13.07 -6.70 -7.57
N3 NCO H . -11.73 -8.79 -6.33
N4 NCO H . -14.17 -8.49 -9.40
N5 NCO H . -11.42 -8.35 -9.06
N6 NCO H . -14.48 -8.92 -6.66
CO NCO I . -1.19 8.97 -4.58
N1 NCO I . -1.09 8.91 -6.53
N2 NCO I . -1.30 9.05 -2.62
N3 NCO I . -0.50 7.14 -4.48
N4 NCO I . -1.88 10.82 -4.67
N5 NCO I . 0.65 9.67 -4.50
N6 NCO I . -3.03 8.28 -4.64
CO NCO J . 9.54 11.85 5.71
N1 NCO J . 9.41 10.88 4.00
N2 NCO J . 9.65 12.81 7.41
N3 NCO J . 11.11 12.82 5.04
N4 NCO J . 7.96 10.87 6.38
N5 NCO J . 8.36 13.25 5.01
N6 NCO J . 10.71 10.44 6.43
CO NCO K . 17.12 -3.80 10.15
N1 NCO K . 16.22 -5.36 10.95
N2 NCO K . 18.02 -2.24 9.36
N3 NCO K . 17.78 -4.93 8.70
N4 NCO K . 16.45 -2.67 11.61
N5 NCO K . 15.51 -3.39 9.12
N6 NCO K . 18.74 -4.20 11.20
CO NCO L . 13.19 -10.82 -7.54
N1 NCO L . 14.05 -11.68 -9.08
N2 NCO L . 12.34 -9.98 -5.99
N3 NCO L . 14.26 -9.20 -7.83
N4 NCO L . 12.11 -12.45 -7.25
N5 NCO L . 11.78 -10.11 -8.71
N6 NCO L . 14.60 -11.55 -6.37
#